data_1W3F
#
_entry.id   1W3F
#
_cell.length_a   101.760
_cell.length_b   101.760
_cell.length_c   193.030
_cell.angle_alpha   90.00
_cell.angle_beta   90.00
_cell.angle_gamma   120.00
#
_symmetry.space_group_name_H-M   'P 63 2 2'
#
loop_
_entity.id
_entity.type
_entity.pdbx_description
1 polymer 'HEMOLYTIC LECTIN FROM LAETIPORUS SULPHUREUS'
2 branched beta-D-galactopyranose-(1-4)-2-acetamido-2-deoxy-alpha-D-glucopyranose
3 non-polymer GLYCEROL
4 water water
#
_entity_poly.entity_id   1
_entity_poly.type   'polypeptide(L)'
_entity_poly.pdbx_seq_one_letter_code
;MTDIYIPPEGLYFRLLGFASRQVIFARNSPSPDVGLSPVNDQATDQYFSLIYGTGEHAGLYAIKSKATGKVLFSRRPAEP
YVGQIDGDGRYPDNWFKIEPGKTYLSKYFRLVQPSTGTALVSRTHLQPYFWNHPQTEVFDDQYFTFLFEDMSIDKIEYDL
KDGRILSSTPNVLATQTLENTSSQTQEMSFNLSQTLTQTSTFAYTAGFTIAVGTAFKAGVPIFAETEFKVDISVDNQWNW
GEENTFSKTYTATFSVRAGPGETVKAVSTVDSGIINVPFTAYLSSKSTGFEVTTEGIWRGVSSWDLRHTLTSVTA
;
_entity_poly.pdbx_strand_id   A
#
loop_
_chem_comp.id
_chem_comp.type
_chem_comp.name
_chem_comp.formula
GAL D-saccharide, beta linking beta-D-galactopyranose 'C6 H12 O6'
GOL non-polymer GLYCEROL 'C3 H8 O3'
NDG D-saccharide, alpha linking 2-acetamido-2-deoxy-alpha-D-glucopyranose 'C8 H15 N O6'
#
# COMPACT_ATOMS: atom_id res chain seq x y z
N ASP A 3 1.48 0.61 -15.90
CA ASP A 3 2.87 0.26 -16.30
C ASP A 3 3.51 -0.62 -15.22
N ILE A 4 2.98 -1.84 -15.12
CA ILE A 4 3.36 -2.89 -14.16
C ILE A 4 4.72 -2.88 -13.47
N TYR A 5 4.68 -3.14 -12.17
CA TYR A 5 5.86 -3.20 -11.32
C TYR A 5 6.47 -4.60 -11.30
N ILE A 6 7.64 -4.76 -11.92
CA ILE A 6 8.32 -6.05 -11.91
C ILE A 6 9.42 -5.93 -10.87
N PRO A 7 9.45 -6.85 -9.90
CA PRO A 7 10.44 -6.84 -8.83
C PRO A 7 11.89 -7.03 -9.26
N PRO A 8 12.82 -6.36 -8.58
CA PRO A 8 14.23 -6.52 -8.93
C PRO A 8 14.66 -7.90 -8.44
N GLU A 9 15.87 -8.30 -8.81
CA GLU A 9 16.40 -9.61 -8.47
C GLU A 9 16.36 -10.16 -7.05
N GLY A 10 16.53 -9.34 -6.03
CA GLY A 10 16.53 -9.92 -4.69
C GLY A 10 15.22 -9.98 -3.88
N LEU A 11 14.09 -9.77 -4.54
CA LEU A 11 12.80 -9.76 -3.88
C LEU A 11 12.00 -11.02 -4.21
N TYR A 12 11.41 -11.65 -3.19
CA TYR A 12 10.63 -12.89 -3.41
C TYR A 12 9.13 -12.67 -3.53
N PHE A 13 8.49 -13.59 -4.24
CA PHE A 13 7.06 -13.49 -4.48
C PHE A 13 6.47 -14.86 -4.83
N ARG A 14 5.15 -14.92 -4.80
CA ARG A 14 4.44 -16.15 -5.17
C ARG A 14 3.78 -15.80 -6.51
N LEU A 15 3.59 -16.81 -7.35
CA LEU A 15 2.94 -16.60 -8.63
C LEU A 15 1.52 -17.16 -8.55
N LEU A 16 0.57 -16.27 -8.25
CA LEU A 16 -0.83 -16.64 -8.11
C LEU A 16 -1.55 -16.66 -9.46
N GLY A 17 -2.22 -17.77 -9.75
CA GLY A 17 -2.93 -17.88 -11.01
C GLY A 17 -4.32 -17.28 -10.96
N PHE A 18 -4.68 -16.54 -12.00
CA PHE A 18 -6.01 -15.93 -12.06
C PHE A 18 -7.10 -16.98 -11.93
N ALA A 19 -7.02 -18.01 -12.76
CA ALA A 19 -8.00 -19.09 -12.79
C ALA A 19 -7.92 -20.09 -11.63
N SER A 20 -6.73 -20.62 -11.39
CA SER A 20 -6.57 -21.60 -10.32
C SER A 20 -6.67 -20.98 -8.94
N ARG A 21 -6.35 -19.70 -8.83
CA ARG A 21 -6.37 -19.03 -7.54
C ARG A 21 -5.40 -19.77 -6.64
N GLN A 22 -4.48 -20.49 -7.26
CA GLN A 22 -3.46 -21.24 -6.55
C GLN A 22 -2.08 -20.75 -6.96
N VAL A 23 -1.09 -21.15 -6.19
CA VAL A 23 0.29 -20.71 -6.39
C VAL A 23 1.23 -21.83 -6.88
N ILE A 24 2.27 -21.45 -7.62
CA ILE A 24 3.22 -22.44 -8.13
C ILE A 24 4.23 -22.84 -7.06
N PHE A 25 4.56 -24.13 -7.01
CA PHE A 25 5.56 -24.58 -6.06
C PHE A 25 6.66 -25.37 -6.78
N ALA A 26 7.86 -25.33 -6.22
CA ALA A 26 8.99 -26.05 -6.81
C ALA A 26 9.85 -26.56 -5.66
N ARG A 27 9.86 -27.88 -5.50
CA ARG A 27 10.62 -28.53 -4.43
C ARG A 27 11.46 -29.67 -4.99
N ASN A 28 12.30 -30.26 -4.15
CA ASN A 28 13.13 -31.37 -4.59
C ASN A 28 12.39 -32.70 -4.36
N SER A 29 11.55 -32.72 -3.33
CA SER A 29 10.74 -33.89 -3.00
C SER A 29 9.57 -33.38 -2.15
N PRO A 30 8.46 -34.13 -2.07
CA PRO A 30 8.09 -35.40 -2.69
C PRO A 30 8.11 -35.48 -4.21
N SER A 31 7.72 -36.66 -4.72
CA SER A 31 7.68 -36.98 -6.14
C SER A 31 7.34 -35.81 -7.06
N PRO A 32 6.07 -35.38 -7.08
CA PRO A 32 5.78 -34.25 -7.98
C PRO A 32 6.53 -33.03 -7.44
N ASP A 33 7.62 -32.66 -8.12
CA ASP A 33 8.46 -31.54 -7.69
C ASP A 33 7.97 -30.13 -8.04
N VAL A 34 7.06 -30.02 -9.00
CA VAL A 34 6.50 -28.73 -9.37
C VAL A 34 5.00 -28.89 -9.64
N GLY A 35 4.22 -27.94 -9.16
CA GLY A 35 2.78 -28.00 -9.35
C GLY A 35 2.09 -26.80 -8.75
N LEU A 36 0.83 -26.97 -8.38
CA LEU A 36 0.05 -25.88 -7.79
C LEU A 36 -0.32 -26.17 -6.36
N SER A 37 -0.55 -25.10 -5.59
CA SER A 37 -0.91 -25.26 -4.20
C SER A 37 -1.55 -24.03 -3.59
N PRO A 38 -2.46 -24.25 -2.62
CA PRO A 38 -3.10 -23.13 -1.96
C PRO A 38 -1.96 -22.42 -1.23
N VAL A 39 -2.10 -21.13 -1.00
CA VAL A 39 -1.06 -20.38 -0.33
C VAL A 39 -0.77 -20.84 1.11
N ASN A 40 0.52 -20.86 1.42
CA ASN A 40 1.03 -21.21 2.75
C ASN A 40 2.25 -20.32 2.82
N ASP A 41 2.10 -19.17 3.47
CA ASP A 41 3.18 -18.20 3.59
C ASP A 41 4.49 -18.74 4.14
N GLN A 42 4.41 -19.76 5.00
CA GLN A 42 5.60 -20.35 5.59
C GLN A 42 6.33 -21.34 4.70
N ALA A 43 5.71 -21.74 3.58
CA ALA A 43 6.32 -22.70 2.67
C ALA A 43 7.29 -22.08 1.66
N THR A 44 8.59 -22.16 1.94
CA THR A 44 9.65 -21.64 1.06
C THR A 44 9.40 -22.15 -0.34
N ASP A 45 8.78 -23.31 -0.36
CA ASP A 45 8.39 -24.05 -1.54
C ASP A 45 7.68 -23.19 -2.59
N GLN A 46 6.91 -22.22 -2.13
CA GLN A 46 6.13 -21.37 -3.02
C GLN A 46 6.74 -20.03 -3.43
N TYR A 47 7.94 -19.74 -2.95
CA TYR A 47 8.60 -18.47 -3.28
C TYR A 47 9.58 -18.52 -4.46
N PHE A 48 9.62 -17.43 -5.22
CA PHE A 48 10.50 -17.32 -6.38
C PHE A 48 11.01 -15.89 -6.47
N SER A 49 12.06 -15.70 -7.26
CA SER A 49 12.62 -14.38 -7.48
C SER A 49 12.98 -14.39 -8.96
N LEU A 50 13.22 -13.22 -9.53
CA LEU A 50 13.53 -13.14 -10.95
C LEU A 50 15.01 -12.92 -11.26
N ILE A 51 15.45 -13.47 -12.38
CA ILE A 51 16.81 -13.29 -12.86
C ILE A 51 16.64 -12.47 -14.13
N TYR A 52 17.08 -11.22 -14.08
CA TYR A 52 16.99 -10.33 -15.21
C TYR A 52 17.89 -10.75 -16.37
N GLY A 53 17.27 -11.12 -17.48
CA GLY A 53 18.03 -11.51 -18.66
C GLY A 53 18.89 -10.38 -19.22
N THR A 54 20.00 -10.76 -19.83
CA THR A 54 20.92 -9.80 -20.44
C THR A 54 21.27 -10.34 -21.83
N GLY A 55 22.02 -9.55 -22.58
CA GLY A 55 22.39 -9.96 -23.93
C GLY A 55 21.15 -10.04 -24.79
N GLU A 56 21.00 -11.14 -25.51
CA GLU A 56 19.83 -11.31 -26.36
C GLU A 56 18.61 -11.65 -25.51
N HIS A 57 18.83 -11.80 -24.21
CA HIS A 57 17.74 -12.11 -23.29
C HIS A 57 17.32 -10.87 -22.49
N ALA A 58 17.91 -9.71 -22.81
CA ALA A 58 17.55 -8.48 -22.13
C ALA A 58 16.06 -8.24 -22.33
N GLY A 59 15.36 -7.93 -21.24
CA GLY A 59 13.93 -7.71 -21.34
C GLY A 59 13.13 -8.96 -21.00
N LEU A 60 13.82 -10.07 -20.77
CA LEU A 60 13.17 -11.32 -20.40
C LEU A 60 13.64 -11.71 -19.02
N TYR A 61 12.99 -12.71 -18.42
CA TYR A 61 13.35 -13.12 -17.08
C TYR A 61 13.30 -14.62 -16.87
N ALA A 62 14.09 -15.07 -15.91
CA ALA A 62 14.12 -16.48 -15.53
C ALA A 62 13.47 -16.46 -14.15
N ILE A 63 12.79 -17.55 -13.80
CA ILE A 63 12.09 -17.63 -12.53
C ILE A 63 12.78 -18.66 -11.65
N LYS A 64 13.55 -18.17 -10.69
CA LYS A 64 14.31 -19.03 -9.80
C LYS A 64 13.58 -19.43 -8.52
N SER A 65 13.52 -20.73 -8.26
CA SER A 65 12.88 -21.28 -7.08
C SER A 65 13.72 -20.92 -5.85
N LYS A 66 13.08 -20.50 -4.77
CA LYS A 66 13.82 -20.14 -3.57
C LYS A 66 14.20 -21.39 -2.79
N ALA A 67 13.33 -22.39 -2.82
CA ALA A 67 13.59 -23.63 -2.12
C ALA A 67 14.69 -24.46 -2.78
N THR A 68 14.60 -24.65 -4.09
CA THR A 68 15.59 -25.48 -4.79
C THR A 68 16.70 -24.72 -5.51
N GLY A 69 16.48 -23.44 -5.79
CA GLY A 69 17.47 -22.67 -6.50
C GLY A 69 17.44 -22.92 -8.00
N LYS A 70 16.63 -23.88 -8.42
CA LYS A 70 16.51 -24.19 -9.84
C LYS A 70 15.60 -23.16 -10.54
N VAL A 71 15.57 -23.23 -11.86
CA VAL A 71 14.79 -22.30 -12.66
C VAL A 71 13.69 -23.01 -13.45
N LEU A 72 12.59 -22.31 -13.70
CA LEU A 72 11.47 -22.89 -14.44
C LEU A 72 11.73 -22.92 -15.93
N PHE A 73 11.08 -23.86 -16.62
CA PHE A 73 11.23 -23.98 -18.07
C PHE A 73 9.90 -24.30 -18.73
N SER A 74 9.75 -23.87 -19.97
CA SER A 74 8.53 -24.13 -20.72
C SER A 74 8.92 -24.50 -22.15
N ARG A 75 8.59 -25.72 -22.55
CA ARG A 75 8.95 -26.20 -23.90
C ARG A 75 7.81 -27.03 -24.48
N ARG A 76 7.85 -27.26 -25.78
CA ARG A 76 6.81 -28.05 -26.42
C ARG A 76 7.27 -29.41 -26.92
N PRO A 77 8.50 -29.49 -27.43
CA PRO A 77 8.86 -30.84 -27.89
C PRO A 77 8.86 -31.86 -26.72
N ALA A 78 9.94 -31.85 -25.95
CA ALA A 78 10.13 -32.79 -24.84
C ALA A 78 9.15 -32.72 -23.68
N GLU A 79 8.89 -33.88 -23.09
CA GLU A 79 7.98 -34.01 -21.97
C GLU A 79 8.78 -34.22 -20.69
N PRO A 80 8.33 -33.64 -19.57
CA PRO A 80 7.13 -32.81 -19.46
C PRO A 80 7.41 -31.41 -19.98
N TYR A 81 6.37 -30.72 -20.43
CA TYR A 81 6.51 -29.37 -20.98
C TYR A 81 6.98 -28.30 -20.00
N VAL A 82 6.78 -28.54 -18.70
CA VAL A 82 7.21 -27.56 -17.70
C VAL A 82 7.88 -28.24 -16.51
N GLY A 83 8.73 -27.49 -15.80
CA GLY A 83 9.42 -28.03 -14.65
C GLY A 83 10.62 -27.22 -14.19
N GLN A 84 11.51 -27.87 -13.45
CA GLN A 84 12.73 -27.24 -12.92
C GLN A 84 14.00 -27.68 -13.64
N ILE A 85 15.06 -26.89 -13.48
CA ILE A 85 16.33 -27.23 -14.08
C ILE A 85 17.46 -26.37 -13.52
N ASP A 86 18.65 -26.95 -13.39
CA ASP A 86 19.83 -26.26 -12.88
C ASP A 86 20.36 -25.26 -13.89
N GLY A 87 21.36 -24.47 -13.47
CA GLY A 87 21.94 -23.46 -14.33
C GLY A 87 21.02 -22.26 -14.37
N ASP A 88 21.45 -21.15 -13.78
CA ASP A 88 20.62 -19.96 -13.75
C ASP A 88 20.25 -19.39 -15.13
N GLY A 89 19.51 -20.16 -15.93
CA GLY A 89 19.10 -19.69 -17.24
C GLY A 89 19.99 -20.17 -18.38
N ARG A 90 20.61 -21.32 -18.18
CA ARG A 90 21.50 -21.91 -19.17
C ARG A 90 20.76 -22.18 -20.49
N TYR A 91 19.55 -22.70 -20.40
CA TYR A 91 18.76 -23.02 -21.58
C TYR A 91 17.78 -21.92 -21.99
N PRO A 92 17.53 -21.79 -23.31
CA PRO A 92 16.61 -20.80 -23.87
C PRO A 92 15.18 -21.00 -23.39
N ASP A 93 14.94 -22.20 -22.86
CA ASP A 93 13.67 -22.62 -22.30
C ASP A 93 13.33 -21.93 -20.99
N ASN A 94 14.34 -21.30 -20.38
CA ASN A 94 14.17 -20.64 -19.10
C ASN A 94 13.84 -19.16 -19.15
N TRP A 95 13.80 -18.58 -20.33
CA TRP A 95 13.51 -17.16 -20.41
C TRP A 95 12.08 -16.82 -20.76
N PHE A 96 11.48 -15.98 -19.93
CA PHE A 96 10.09 -15.59 -20.12
C PHE A 96 9.83 -14.11 -20.36
N LYS A 97 8.76 -13.86 -21.09
CA LYS A 97 8.33 -12.51 -21.38
C LYS A 97 7.09 -12.32 -20.50
N ILE A 98 7.08 -11.22 -19.75
CA ILE A 98 5.98 -10.89 -18.86
C ILE A 98 4.99 -10.03 -19.64
N GLU A 99 3.80 -10.56 -19.88
CA GLU A 99 2.79 -9.84 -20.65
C GLU A 99 1.54 -9.42 -19.90
N PRO A 100 1.46 -8.16 -19.48
CA PRO A 100 0.32 -7.59 -18.73
C PRO A 100 -1.01 -7.74 -19.46
N GLY A 101 -2.05 -8.06 -18.69
CA GLY A 101 -3.37 -8.18 -19.29
C GLY A 101 -4.11 -6.85 -19.20
N LYS A 102 -5.37 -6.84 -19.59
CA LYS A 102 -6.16 -5.62 -19.55
C LYS A 102 -7.44 -5.82 -18.76
N THR A 103 -8.17 -4.73 -18.50
CA THR A 103 -9.42 -4.80 -17.76
C THR A 103 -9.24 -5.57 -16.45
N TYR A 104 -10.04 -6.61 -16.25
CA TYR A 104 -9.99 -7.40 -15.03
C TYR A 104 -8.65 -8.12 -14.86
N LEU A 105 -7.83 -8.09 -15.90
CA LEU A 105 -6.52 -8.73 -15.85
C LEU A 105 -5.36 -7.71 -15.86
N SER A 106 -5.66 -6.45 -15.55
CA SER A 106 -4.63 -5.41 -15.58
C SER A 106 -3.53 -5.56 -14.50
N LYS A 107 -3.80 -6.37 -13.48
CA LYS A 107 -2.80 -6.62 -12.45
C LYS A 107 -2.23 -8.02 -12.66
N TYR A 108 -2.64 -8.66 -13.75
CA TYR A 108 -2.15 -9.98 -14.08
C TYR A 108 -1.34 -9.94 -15.36
N PHE A 109 -0.71 -11.07 -15.68
CA PHE A 109 0.12 -11.13 -16.86
C PHE A 109 0.40 -12.57 -17.24
N ARG A 110 0.75 -12.77 -18.50
CA ARG A 110 1.09 -14.10 -18.95
C ARG A 110 2.61 -14.25 -18.85
N LEU A 111 3.05 -15.49 -18.73
CA LEU A 111 4.49 -15.79 -18.67
C LEU A 111 4.72 -16.60 -19.92
N VAL A 112 5.05 -15.88 -20.99
CA VAL A 112 5.30 -16.47 -22.29
C VAL A 112 6.78 -16.70 -22.55
N GLN A 113 7.11 -17.93 -22.94
CA GLN A 113 8.48 -18.29 -23.24
C GLN A 113 8.56 -18.29 -24.80
N PRO A 114 9.04 -17.16 -25.36
CA PRO A 114 9.21 -16.87 -26.79
C PRO A 114 9.78 -17.93 -27.73
N SER A 115 11.02 -18.35 -27.50
CA SER A 115 11.63 -19.31 -28.41
C SER A 115 10.83 -20.59 -28.65
N THR A 116 9.98 -20.98 -27.71
CA THR A 116 9.18 -22.18 -27.93
C THR A 116 7.74 -21.81 -28.27
N GLY A 117 7.41 -20.53 -28.16
CA GLY A 117 6.06 -20.07 -28.45
C GLY A 117 5.05 -20.73 -27.52
N THR A 118 5.41 -20.79 -26.25
CA THR A 118 4.57 -21.42 -25.25
C THR A 118 4.24 -20.46 -24.09
N ALA A 119 3.06 -20.62 -23.49
CA ALA A 119 2.64 -19.77 -22.37
C ALA A 119 2.29 -20.61 -21.14
N LEU A 120 2.76 -20.19 -19.98
CA LEU A 120 2.47 -20.95 -18.77
C LEU A 120 0.98 -21.01 -18.47
N VAL A 121 0.57 -22.14 -17.93
CA VAL A 121 -0.82 -22.40 -17.59
C VAL A 121 -0.99 -22.74 -16.10
N SER A 122 -2.02 -22.19 -15.49
CA SER A 122 -2.33 -22.44 -14.09
C SER A 122 -3.85 -22.57 -13.95
N ARG A 123 -4.32 -23.81 -13.84
CA ARG A 123 -5.76 -24.10 -13.74
C ARG A 123 -6.05 -25.27 -12.80
N THR A 124 -7.31 -25.41 -12.39
CA THR A 124 -7.70 -26.50 -11.51
C THR A 124 -8.84 -27.30 -12.13
N HIS A 125 -9.28 -26.86 -13.30
CA HIS A 125 -10.39 -27.53 -14.00
C HIS A 125 -9.93 -28.64 -14.94
N LEU A 126 -8.65 -28.69 -15.25
CA LEU A 126 -8.12 -29.69 -16.18
C LEU A 126 -6.66 -29.98 -15.86
N GLN A 127 -6.25 -31.23 -16.05
CA GLN A 127 -4.86 -31.63 -15.79
C GLN A 127 -4.02 -31.70 -17.05
N PRO A 128 -2.71 -31.42 -16.93
CA PRO A 128 -2.03 -31.05 -15.67
C PRO A 128 -2.44 -29.63 -15.24
N TYR A 129 -2.50 -29.41 -13.92
CA TYR A 129 -2.90 -28.12 -13.40
C TYR A 129 -1.86 -27.06 -13.75
N PHE A 130 -0.58 -27.42 -13.63
CA PHE A 130 0.50 -26.51 -13.98
C PHE A 130 1.04 -27.05 -15.29
N TRP A 131 0.86 -26.33 -16.38
CA TRP A 131 1.32 -26.79 -17.68
C TRP A 131 1.55 -25.57 -18.56
N ASN A 132 1.55 -25.77 -19.88
CA ASN A 132 1.70 -24.64 -20.79
C ASN A 132 0.80 -24.82 -22.00
N HIS A 133 0.76 -23.82 -22.86
CA HIS A 133 -0.12 -23.84 -24.03
C HIS A 133 0.51 -23.02 -25.17
N PRO A 134 0.11 -23.31 -26.41
CA PRO A 134 0.68 -22.54 -27.53
C PRO A 134 0.33 -21.07 -27.29
N GLN A 135 1.36 -20.27 -27.14
CA GLN A 135 1.21 -18.85 -26.86
C GLN A 135 0.18 -18.09 -27.70
N THR A 136 -0.09 -18.55 -28.92
CA THR A 136 -1.05 -17.88 -29.80
C THR A 136 -2.51 -17.98 -29.37
N GLU A 137 -2.87 -19.05 -28.65
CA GLU A 137 -4.22 -19.21 -28.16
C GLU A 137 -4.27 -18.74 -26.70
N VAL A 138 -4.84 -17.57 -26.47
CA VAL A 138 -4.91 -17.01 -25.14
C VAL A 138 -6.18 -17.35 -24.34
N PHE A 139 -5.98 -17.95 -23.17
CA PHE A 139 -7.06 -18.30 -22.25
C PHE A 139 -6.77 -17.64 -20.92
N ASP A 140 -7.81 -17.35 -20.14
CA ASP A 140 -7.64 -16.71 -18.84
C ASP A 140 -6.75 -17.45 -17.86
N ASP A 141 -6.65 -18.77 -17.98
CA ASP A 141 -5.83 -19.54 -17.06
C ASP A 141 -4.35 -19.43 -17.30
N GLN A 142 -3.97 -18.51 -18.18
CA GLN A 142 -2.58 -18.26 -18.51
C GLN A 142 -2.09 -17.02 -17.76
N TYR A 143 -2.97 -16.42 -16.97
CA TYR A 143 -2.60 -15.23 -16.24
C TYR A 143 -2.17 -15.42 -14.80
N PHE A 144 -1.15 -14.67 -14.43
CA PHE A 144 -0.58 -14.72 -13.10
C PHE A 144 -0.44 -13.31 -12.53
N THR A 145 -0.34 -13.23 -11.22
CA THR A 145 -0.11 -11.95 -10.59
C THR A 145 0.90 -12.20 -9.47
N PHE A 146 1.59 -11.15 -9.06
CA PHE A 146 2.57 -11.27 -7.99
C PHE A 146 1.91 -11.19 -6.62
N LEU A 147 2.31 -12.09 -5.73
CA LEU A 147 1.83 -12.13 -4.37
C LEU A 147 3.15 -12.04 -3.60
N PHE A 148 3.69 -10.83 -3.52
CA PHE A 148 4.97 -10.58 -2.85
C PHE A 148 5.15 -11.10 -1.42
N GLU A 149 6.41 -11.27 -1.04
CA GLU A 149 6.74 -11.75 0.30
C GLU A 149 6.34 -10.67 1.30
N ASP A 150 6.15 -11.06 2.55
CA ASP A 150 5.75 -10.11 3.59
C ASP A 150 6.83 -9.04 3.75
N MET A 151 6.42 -7.79 3.57
CA MET A 151 7.32 -6.64 3.67
C MET A 151 6.95 -5.78 4.86
N SER A 152 7.97 -5.26 5.55
CA SER A 152 7.71 -4.41 6.70
C SER A 152 7.84 -2.95 6.30
N ILE A 153 6.86 -2.15 6.67
CA ILE A 153 6.88 -0.72 6.37
C ILE A 153 7.71 -0.07 7.46
N ASP A 154 8.94 0.31 7.13
CA ASP A 154 9.81 0.90 8.12
C ASP A 154 9.66 2.40 8.31
N LYS A 155 9.24 3.10 7.27
CA LYS A 155 9.13 4.54 7.38
C LYS A 155 8.26 5.22 6.33
N ILE A 156 7.66 6.33 6.74
CA ILE A 156 6.84 7.12 5.85
C ILE A 156 7.41 8.53 5.93
N GLU A 157 7.80 9.09 4.78
CA GLU A 157 8.35 10.43 4.74
C GLU A 157 7.47 11.29 3.85
N TYR A 158 6.76 12.22 4.45
CA TYR A 158 5.89 13.09 3.70
C TYR A 158 6.63 14.19 2.99
N ASP A 159 6.14 14.57 1.83
CA ASP A 159 6.71 15.66 1.08
C ASP A 159 5.85 16.87 1.41
N LEU A 160 5.99 17.34 2.66
CA LEU A 160 5.25 18.47 3.18
C LEU A 160 5.19 19.71 2.30
N LYS A 161 6.30 20.08 1.67
CA LYS A 161 6.31 21.28 0.84
C LYS A 161 5.21 21.24 -0.21
N ASP A 162 4.81 20.03 -0.61
CA ASP A 162 3.78 19.92 -1.63
C ASP A 162 2.39 19.59 -1.12
N GLY A 163 2.13 19.90 0.15
CA GLY A 163 0.82 19.65 0.72
C GLY A 163 -0.21 20.49 -0.02
N ARG A 164 -1.49 20.17 0.12
CA ARG A 164 -2.50 20.92 -0.61
C ARG A 164 -3.88 20.88 0.06
N ILE A 165 -4.52 22.04 0.19
CA ILE A 165 -5.85 22.13 0.79
C ILE A 165 -6.84 21.97 -0.36
N LEU A 166 -7.66 20.93 -0.32
CA LEU A 166 -8.63 20.70 -1.38
C LEU A 166 -9.98 21.33 -1.11
N SER A 167 -10.27 21.59 0.17
CA SER A 167 -11.52 22.22 0.57
C SER A 167 -11.30 22.88 1.92
N SER A 168 -12.18 23.81 2.27
CA SER A 168 -12.05 24.51 3.54
C SER A 168 -13.31 25.25 3.92
N THR A 169 -13.85 24.92 5.09
CA THR A 169 -15.04 25.59 5.58
C THR A 169 -14.90 25.68 7.07
N PRO A 170 -15.24 26.84 7.63
CA PRO A 170 -15.12 26.98 9.08
C PRO A 170 -16.17 26.14 9.77
N ASN A 171 -15.78 25.53 10.88
CA ASN A 171 -16.69 24.73 11.68
C ASN A 171 -16.57 25.24 13.10
N VAL A 172 -17.69 25.68 13.66
CA VAL A 172 -17.70 26.19 15.02
C VAL A 172 -17.77 24.99 15.97
N LEU A 173 -16.71 24.79 16.74
CA LEU A 173 -16.62 23.69 17.69
C LEU A 173 -17.55 23.91 18.87
N ALA A 174 -17.50 25.11 19.44
CA ALA A 174 -18.32 25.46 20.59
C ALA A 174 -18.56 26.96 20.64
N THR A 175 -19.84 27.35 20.60
CA THR A 175 -20.21 28.74 20.66
C THR A 175 -20.57 29.02 22.11
N GLN A 176 -21.79 28.64 22.48
CA GLN A 176 -22.32 28.81 23.82
C GLN A 176 -21.28 29.36 24.77
N THR A 177 -20.62 28.45 25.48
CA THR A 177 -19.58 28.76 26.46
C THR A 177 -19.43 30.28 26.67
N LEU A 178 -20.50 30.89 27.17
CA LEU A 178 -20.54 32.32 27.44
C LEU A 178 -21.08 32.52 28.86
N GLU A 179 -20.22 32.99 29.74
CA GLU A 179 -20.62 33.21 31.12
C GLU A 179 -20.55 34.68 31.54
N ASN A 180 -21.48 35.09 32.41
CA ASN A 180 -21.53 36.46 32.89
C ASN A 180 -21.50 36.54 34.42
N THR A 181 -21.69 37.77 34.92
CA THR A 181 -21.71 38.06 36.35
C THR A 181 -21.88 39.57 36.50
N SER A 182 -22.51 40.18 35.50
CA SER A 182 -22.75 41.62 35.48
C SER A 182 -21.43 42.39 35.36
N SER A 183 -21.04 43.08 36.42
CA SER A 183 -19.79 43.84 36.43
C SER A 183 -18.90 43.45 37.59
N GLN A 184 -17.75 44.12 37.69
CA GLN A 184 -16.77 43.85 38.74
C GLN A 184 -16.18 42.45 38.60
N THR A 185 -16.86 41.46 39.19
CA THR A 185 -16.41 40.07 39.14
C THR A 185 -14.88 40.04 39.14
N GLN A 186 -14.30 39.11 38.39
CA GLN A 186 -12.85 39.00 38.31
C GLN A 186 -12.39 37.85 37.42
N GLU A 187 -12.99 36.67 37.60
CA GLU A 187 -12.60 35.53 36.79
C GLU A 187 -13.72 34.84 36.04
N MET A 188 -13.45 34.54 34.78
CA MET A 188 -14.39 33.86 33.90
C MET A 188 -13.55 32.99 32.97
N SER A 189 -13.37 31.73 33.35
CA SER A 189 -12.59 30.79 32.56
C SER A 189 -13.47 29.84 31.78
N PHE A 190 -13.06 29.50 30.56
CA PHE A 190 -13.83 28.59 29.71
C PHE A 190 -13.06 27.30 29.46
N ASN A 191 -13.79 26.24 29.12
CA ASN A 191 -13.19 24.95 28.83
C ASN A 191 -13.67 24.43 27.50
N LEU A 192 -12.74 23.97 26.67
CA LEU A 192 -13.08 23.45 25.36
C LEU A 192 -12.60 22.02 25.16
N SER A 193 -13.54 21.16 24.81
CA SER A 193 -13.23 19.75 24.55
C SER A 193 -14.17 19.25 23.47
N GLN A 194 -13.71 19.34 22.23
CA GLN A 194 -14.50 18.91 21.07
C GLN A 194 -13.74 17.90 20.24
N THR A 195 -14.44 16.83 19.89
CA THR A 195 -13.84 15.76 19.11
C THR A 195 -14.41 15.68 17.69
N LEU A 196 -13.50 15.61 16.72
CA LEU A 196 -13.88 15.53 15.33
C LEU A 196 -13.37 14.20 14.78
N THR A 197 -14.19 13.53 13.99
CA THR A 197 -13.77 12.28 13.39
C THR A 197 -12.99 12.64 12.13
N GLN A 198 -11.70 12.32 12.12
CA GLN A 198 -10.89 12.62 10.96
C GLN A 198 -10.79 11.42 10.04
N THR A 199 -10.21 11.64 8.87
CA THR A 199 -10.08 10.60 7.88
C THR A 199 -8.64 10.44 7.41
N SER A 200 -8.29 9.23 6.97
CA SER A 200 -6.94 8.96 6.50
C SER A 200 -6.90 7.84 5.47
N THR A 201 -6.17 8.07 4.38
CA THR A 201 -6.02 7.08 3.32
C THR A 201 -4.65 7.22 2.69
N PHE A 202 -3.92 6.10 2.60
CA PHE A 202 -2.60 6.11 1.98
C PHE A 202 -2.76 5.45 0.62
N ALA A 203 -2.82 6.25 -0.44
CA ALA A 203 -3.01 5.71 -1.77
C ALA A 203 -1.72 5.51 -2.55
N TYR A 204 -1.61 4.35 -3.19
CA TYR A 204 -0.45 3.99 -4.00
C TYR A 204 -0.35 4.90 -5.20
N THR A 205 0.88 5.27 -5.54
CA THR A 205 1.11 6.14 -6.68
C THR A 205 2.08 5.47 -7.64
N ALA A 206 3.15 4.92 -7.09
CA ALA A 206 4.17 4.27 -7.90
C ALA A 206 5.09 3.45 -7.00
N GLY A 207 6.00 2.71 -7.63
CA GLY A 207 6.95 1.91 -6.89
C GLY A 207 6.41 0.60 -6.41
N PHE A 208 7.04 0.04 -5.39
CA PHE A 208 6.60 -1.24 -4.85
C PHE A 208 5.10 -1.29 -4.57
N THR A 209 4.45 -2.35 -5.03
CA THR A 209 3.02 -2.47 -4.81
C THR A 209 2.72 -3.15 -3.49
N ILE A 210 2.57 -2.34 -2.45
CA ILE A 210 2.26 -2.83 -1.10
C ILE A 210 0.90 -3.53 -1.15
N ALA A 211 0.76 -4.62 -0.40
CA ALA A 211 -0.51 -5.34 -0.37
C ALA A 211 -1.58 -4.50 0.31
N VAL A 212 -2.75 -4.47 -0.32
CA VAL A 212 -3.87 -3.70 0.21
C VAL A 212 -4.25 -4.23 1.58
N GLY A 213 -4.47 -3.32 2.52
CA GLY A 213 -4.84 -3.75 3.85
C GLY A 213 -3.69 -3.92 4.81
N THR A 214 -2.46 -3.87 4.30
CA THR A 214 -1.28 -4.03 5.15
C THR A 214 -1.40 -3.06 6.33
N ALA A 215 -1.26 -3.59 7.55
CA ALA A 215 -1.37 -2.78 8.76
C ALA A 215 -0.04 -2.18 9.21
N PHE A 216 -0.02 -0.87 9.42
CA PHE A 216 1.21 -0.19 9.86
C PHE A 216 0.84 1.02 10.71
N LYS A 217 1.83 1.68 11.29
CA LYS A 217 1.46 2.79 12.15
C LYS A 217 1.81 4.23 11.95
N ALA A 218 0.99 5.01 12.63
CA ALA A 218 0.97 6.47 12.75
C ALA A 218 1.77 7.34 11.79
N GLY A 219 1.82 8.62 12.16
CA GLY A 219 2.51 9.65 11.40
C GLY A 219 1.58 10.17 10.34
N VAL A 220 0.72 11.15 10.68
CA VAL A 220 -0.23 11.70 9.72
C VAL A 220 -0.18 13.23 9.59
N PRO A 221 -0.26 13.74 8.35
CA PRO A 221 -0.23 15.15 7.99
C PRO A 221 -1.23 16.06 8.67
N ILE A 222 -0.83 17.32 8.80
CA ILE A 222 -1.65 18.35 9.42
C ILE A 222 -1.22 19.70 8.88
N PHE A 223 -2.18 20.59 8.66
CA PHE A 223 -1.87 21.91 8.18
C PHE A 223 -1.67 22.80 9.40
N ALA A 224 -0.52 23.47 9.46
CA ALA A 224 -0.18 24.34 10.57
C ALA A 224 -0.94 25.65 10.44
N GLU A 225 -0.32 26.64 9.80
CA GLU A 225 -0.99 27.92 9.60
C GLU A 225 -0.47 28.41 8.27
N THR A 226 0.72 27.94 7.91
CA THR A 226 1.36 28.34 6.67
C THR A 226 2.09 27.15 6.06
N GLU A 227 2.12 26.05 6.79
CA GLU A 227 2.82 24.86 6.32
C GLU A 227 2.08 23.60 6.76
N PHE A 228 2.53 22.47 6.22
CA PHE A 228 1.97 21.18 6.60
C PHE A 228 3.01 20.58 7.54
N LYS A 229 2.54 19.83 8.52
CA LYS A 229 3.43 19.20 9.48
C LYS A 229 2.88 17.83 9.84
N VAL A 230 3.71 17.01 10.47
CA VAL A 230 3.28 15.68 10.85
C VAL A 230 2.83 15.58 12.31
N ASP A 231 1.61 15.11 12.52
CA ASP A 231 1.10 14.95 13.88
C ASP A 231 1.52 13.55 14.34
N ILE A 232 2.57 13.48 15.13
CA ILE A 232 3.08 12.22 15.62
C ILE A 232 2.21 11.60 16.72
N SER A 233 1.24 12.36 17.21
CA SER A 233 0.37 11.87 18.27
C SER A 233 -0.64 10.81 17.81
N VAL A 234 -1.17 10.98 16.59
CA VAL A 234 -2.14 10.03 16.06
C VAL A 234 -1.50 8.65 16.02
N ASP A 235 -1.85 7.80 16.99
CA ASP A 235 -1.26 6.48 17.09
C ASP A 235 -2.12 5.34 16.53
N ASN A 236 -3.10 5.67 15.69
CA ASN A 236 -3.97 4.65 15.11
C ASN A 236 -3.24 3.69 14.16
N GLN A 237 -3.87 2.56 13.89
CA GLN A 237 -3.32 1.56 12.99
C GLN A 237 -3.96 1.80 11.63
N TRP A 238 -3.13 1.99 10.62
CA TRP A 238 -3.63 2.22 9.28
C TRP A 238 -3.63 0.95 8.44
N ASN A 239 -4.46 0.97 7.40
CA ASN A 239 -4.55 -0.15 6.48
C ASN A 239 -4.22 0.44 5.12
N TRP A 240 -3.10 0.00 4.54
CA TRP A 240 -2.67 0.52 3.26
C TRP A 240 -3.76 0.44 2.20
N GLY A 241 -3.86 1.51 1.43
CA GLY A 241 -4.84 1.57 0.35
C GLY A 241 -6.29 1.70 0.78
N GLU A 242 -6.56 1.71 2.07
CA GLU A 242 -7.94 1.83 2.54
C GLU A 242 -8.17 3.05 3.42
N GLU A 243 -9.41 3.52 3.43
CA GLU A 243 -9.75 4.67 4.24
C GLU A 243 -9.95 4.29 5.71
N ASN A 244 -9.28 5.01 6.61
CA ASN A 244 -9.40 4.77 8.05
C ASN A 244 -9.95 6.04 8.68
N THR A 245 -10.43 5.92 9.92
CA THR A 245 -10.92 7.09 10.64
C THR A 245 -10.21 7.18 11.98
N PHE A 246 -10.15 8.38 12.53
CA PHE A 246 -9.52 8.58 13.82
C PHE A 246 -10.03 9.87 14.43
N SER A 247 -10.12 9.87 15.76
CA SER A 247 -10.63 11.00 16.50
C SER A 247 -9.59 12.06 16.81
N LYS A 248 -10.01 13.31 16.70
CA LYS A 248 -9.13 14.43 17.01
C LYS A 248 -9.92 15.26 18.01
N THR A 249 -9.34 15.46 19.19
CA THR A 249 -10.00 16.24 20.20
C THR A 249 -9.27 17.55 20.45
N TYR A 250 -10.02 18.64 20.46
CA TYR A 250 -9.43 19.94 20.72
C TYR A 250 -9.73 20.31 22.16
N THR A 251 -8.69 20.63 22.90
CA THR A 251 -8.85 20.98 24.29
C THR A 251 -8.23 22.35 24.54
N ALA A 252 -8.93 23.16 25.34
CA ALA A 252 -8.44 24.50 25.64
C ALA A 252 -9.14 25.10 26.85
N THR A 253 -8.40 25.88 27.63
CA THR A 253 -8.92 26.55 28.81
C THR A 253 -8.35 27.96 28.84
N PHE A 254 -9.23 28.95 28.87
CA PHE A 254 -8.82 30.35 28.90
C PHE A 254 -9.81 31.14 29.75
N SER A 255 -9.30 32.16 30.43
CA SER A 255 -10.14 33.00 31.27
C SER A 255 -10.01 34.47 30.89
N VAL A 256 -11.02 35.26 31.25
CA VAL A 256 -11.01 36.67 30.92
C VAL A 256 -11.32 37.56 32.11
N ARG A 257 -12.29 38.46 31.90
CA ARG A 257 -12.76 39.41 32.89
C ARG A 257 -11.75 40.50 33.25
N ALA A 258 -12.05 41.72 32.84
CA ALA A 258 -11.19 42.88 33.10
C ALA A 258 -11.79 44.17 32.54
N GLY A 259 -13.01 44.08 32.01
CA GLY A 259 -13.67 45.26 31.47
C GLY A 259 -14.53 45.97 32.49
N PRO A 260 -15.13 47.12 32.12
CA PRO A 260 -15.99 47.89 33.02
C PRO A 260 -17.16 47.09 33.59
N GLY A 261 -17.34 45.87 33.05
CA GLY A 261 -18.41 45.01 33.49
C GLY A 261 -19.24 44.51 32.32
N GLU A 262 -18.94 43.30 31.85
CA GLU A 262 -19.67 42.74 30.71
C GLU A 262 -19.97 41.25 30.82
N THR A 263 -20.67 40.73 29.82
CA THR A 263 -21.03 39.31 29.73
C THR A 263 -20.13 38.74 28.62
N VAL A 264 -19.14 37.94 29.01
CA VAL A 264 -18.21 37.36 28.05
C VAL A 264 -18.72 36.18 27.24
N LYS A 265 -18.45 36.20 25.94
CA LYS A 265 -18.84 35.13 25.04
C LYS A 265 -17.56 34.57 24.42
N ALA A 266 -17.49 33.26 24.26
CA ALA A 266 -16.32 32.64 23.67
C ALA A 266 -16.72 31.71 22.53
N VAL A 267 -16.17 31.96 21.35
CA VAL A 267 -16.47 31.13 20.20
C VAL A 267 -15.18 30.45 19.73
N SER A 268 -15.15 29.13 19.82
CA SER A 268 -14.00 28.35 19.40
C SER A 268 -14.30 27.82 18.01
N THR A 269 -13.43 28.13 17.07
CA THR A 269 -13.65 27.71 15.69
C THR A 269 -12.42 27.10 15.04
N VAL A 270 -12.68 26.23 14.07
CA VAL A 270 -11.60 25.58 13.35
C VAL A 270 -11.94 25.56 11.86
N ASP A 271 -10.94 25.33 11.03
CA ASP A 271 -11.13 25.23 9.59
C ASP A 271 -11.04 23.74 9.31
N SER A 272 -12.11 23.16 8.79
CA SER A 272 -12.10 21.75 8.45
C SER A 272 -12.20 21.60 6.93
N GLY A 273 -11.64 20.54 6.40
CA GLY A 273 -11.70 20.34 4.95
C GLY A 273 -10.86 19.15 4.53
N ILE A 274 -10.82 18.90 3.22
CA ILE A 274 -10.05 17.79 2.70
C ILE A 274 -8.61 18.23 2.42
N ILE A 275 -7.66 17.41 2.84
CA ILE A 275 -6.26 17.72 2.67
C ILE A 275 -5.51 16.52 2.07
N ASN A 276 -4.46 16.77 1.29
CA ASN A 276 -3.68 15.67 0.74
C ASN A 276 -2.21 16.03 0.62
N VAL A 277 -1.35 15.02 0.77
CA VAL A 277 0.10 15.22 0.74
C VAL A 277 0.83 14.03 0.14
N PRO A 278 1.86 14.29 -0.69
CA PRO A 278 2.62 13.19 -1.29
C PRO A 278 3.54 12.59 -0.23
N PHE A 279 3.97 11.35 -0.44
CA PHE A 279 4.86 10.69 0.51
C PHE A 279 5.60 9.52 -0.12
N THR A 280 6.62 9.04 0.59
CA THR A 280 7.40 7.90 0.13
C THR A 280 7.49 6.97 1.32
N ALA A 281 7.25 5.68 1.08
CA ALA A 281 7.32 4.68 2.13
C ALA A 281 8.53 3.80 1.88
N TYR A 282 9.23 3.47 2.96
CA TYR A 282 10.41 2.63 2.88
C TYR A 282 10.15 1.27 3.49
N LEU A 283 10.36 0.23 2.71
CA LEU A 283 10.13 -1.11 3.19
C LEU A 283 11.34 -2.00 3.02
N SER A 284 11.29 -3.13 3.69
CA SER A 284 12.36 -4.10 3.64
C SER A 284 11.78 -5.50 3.86
N SER A 285 12.45 -6.50 3.29
CA SER A 285 12.04 -7.89 3.42
C SER A 285 12.22 -8.34 4.86
N LYS A 286 11.21 -9.01 5.39
CA LYS A 286 11.28 -9.49 6.76
C LYS A 286 12.27 -10.63 6.88
N SER A 287 12.48 -11.36 5.79
CA SER A 287 13.41 -12.48 5.80
C SER A 287 14.80 -12.10 5.33
N THR A 288 14.87 -11.11 4.45
CA THR A 288 16.14 -10.68 3.89
C THR A 288 16.60 -9.29 4.27
N GLY A 289 15.66 -8.36 4.39
CA GLY A 289 16.02 -7.00 4.73
C GLY A 289 16.15 -6.23 3.42
N PHE A 290 15.87 -6.90 2.32
CA PHE A 290 15.94 -6.29 1.00
C PHE A 290 15.05 -5.05 0.98
N GLU A 291 15.62 -3.92 0.56
CA GLU A 291 14.85 -2.68 0.55
C GLU A 291 14.20 -2.25 -0.76
N VAL A 292 13.08 -1.54 -0.61
CA VAL A 292 12.31 -1.00 -1.74
C VAL A 292 11.59 0.24 -1.25
N THR A 293 10.99 0.99 -2.17
CA THR A 293 10.24 2.18 -1.80
C THR A 293 8.93 2.18 -2.55
N THR A 294 8.00 3.02 -2.10
CA THR A 294 6.71 3.14 -2.75
C THR A 294 6.28 4.58 -2.61
N GLU A 295 5.93 5.22 -3.73
CA GLU A 295 5.49 6.60 -3.66
C GLU A 295 3.96 6.56 -3.53
N GLY A 296 3.39 7.56 -2.87
CA GLY A 296 1.95 7.59 -2.72
C GLY A 296 1.45 8.97 -2.32
N ILE A 297 0.15 9.14 -2.40
CA ILE A 297 -0.46 10.41 -2.01
C ILE A 297 -1.35 10.11 -0.82
N TRP A 298 -1.23 10.89 0.23
CA TRP A 298 -2.04 10.70 1.43
C TRP A 298 -3.18 11.71 1.39
N ARG A 299 -4.39 11.25 1.69
CA ARG A 299 -5.54 12.14 1.66
C ARG A 299 -6.44 11.97 2.88
N GLY A 300 -7.04 13.07 3.33
CA GLY A 300 -7.91 12.97 4.48
C GLY A 300 -8.66 14.24 4.87
N VAL A 301 -9.77 14.03 5.59
CA VAL A 301 -10.57 15.13 6.10
C VAL A 301 -9.85 15.53 7.37
N SER A 302 -9.52 16.80 7.49
CA SER A 302 -8.77 17.28 8.64
C SER A 302 -9.29 18.62 9.17
N SER A 303 -8.56 19.19 10.12
CA SER A 303 -8.93 20.46 10.74
C SER A 303 -7.66 21.22 11.05
N TRP A 304 -7.77 22.55 11.08
CA TRP A 304 -6.62 23.39 11.37
C TRP A 304 -7.07 24.78 11.83
N ASP A 305 -6.10 25.57 12.27
CA ASP A 305 -6.35 26.94 12.73
C ASP A 305 -7.44 27.07 13.80
N LEU A 306 -7.20 26.51 14.97
CA LEU A 306 -8.18 26.62 16.05
C LEU A 306 -8.18 28.08 16.54
N ARG A 307 -9.35 28.72 16.49
CA ARG A 307 -9.49 30.11 16.93
C ARG A 307 -10.41 30.25 18.13
N HIS A 308 -10.04 31.18 19.00
CA HIS A 308 -10.81 31.48 20.19
C HIS A 308 -11.09 32.99 20.13
N THR A 309 -12.36 33.35 19.97
CA THR A 309 -12.74 34.76 19.90
C THR A 309 -13.54 35.21 21.12
N LEU A 310 -13.04 36.26 21.77
CA LEU A 310 -13.67 36.81 22.96
C LEU A 310 -14.37 38.14 22.69
N THR A 311 -15.60 38.26 23.18
CA THR A 311 -16.40 39.48 23.00
C THR A 311 -17.35 39.72 24.18
N SER A 312 -17.44 40.96 24.63
CA SER A 312 -18.30 41.35 25.75
C SER A 312 -19.69 41.78 25.29
N VAL A 313 -20.65 41.77 26.22
CA VAL A 313 -22.04 42.15 25.90
C VAL A 313 -22.65 42.94 27.05
N THR A 314 -23.80 43.58 26.78
CA THR A 314 -24.53 44.36 27.79
C THR A 314 -26.00 44.49 27.38
N ALA A 315 -26.80 45.03 28.18
C1 NDG B . -4.10 -31.03 -24.65
C2 NDG B . -3.52 -30.25 -23.41
C3 NDG B . -4.68 -29.45 -22.80
C4 NDG B . -5.28 -28.48 -23.82
C5 NDG B . -5.75 -29.25 -25.13
C6 NDG B . -5.93 -28.42 -26.39
C7 NDG B . -1.68 -31.62 -22.53
C8 NDG B . -1.27 -32.60 -21.44
O5 NDG B . -4.66 -30.08 -25.55
O3 NDG B . -4.26 -28.71 -21.66
O4 NDG B . -6.38 -27.82 -23.16
O6 NDG B . -6.90 -27.56 -26.26
O7 NDG B . -0.88 -31.27 -23.45
N2 NDG B . -2.96 -31.18 -22.44
O1 NDG B . -5.08 -31.94 -24.28
C1 GAL B . -6.52 -26.49 -22.97
C2 GAL B . -7.98 -26.26 -22.41
C3 GAL B . -8.30 -24.76 -22.10
C4 GAL B . -7.12 -24.05 -21.40
C5 GAL B . -5.80 -24.28 -22.18
C6 GAL B . -4.61 -23.58 -21.52
O2 GAL B . -8.99 -26.73 -23.32
O3 GAL B . -9.47 -24.68 -21.27
O4 GAL B . -7.00 -24.57 -20.09
O5 GAL B . -5.53 -25.68 -22.31
O6 GAL B . -4.62 -22.21 -21.76
C1 GOL C . 3.04 -27.44 0.54
O1 GOL C . 1.79 -28.39 0.86
C2 GOL C . 3.98 -27.65 -0.48
O2 GOL C . 4.76 -28.71 -0.21
C3 GOL C . 3.84 -26.81 -1.34
O3 GOL C . 3.30 -25.58 -2.11
C1 GOL D . 3.70 -4.64 7.81
O1 GOL D . 4.50 -3.30 8.19
C2 GOL D . 3.90 -5.87 8.45
O2 GOL D . 4.72 -5.74 9.50
C3 GOL D . 3.28 -6.74 7.87
O3 GOL D . 2.35 -7.48 6.85
C1 GOL E . 15.28 -27.31 -19.69
O1 GOL E . 15.58 -25.73 -19.78
C2 GOL E . 15.93 -28.31 -20.41
O2 GOL E . 17.03 -28.73 -19.77
C3 GOL E . 15.31 -28.54 -21.41
O3 GOL E . 14.21 -28.46 -22.51
C1 GOL F . -14.18 6.93 14.54
O1 GOL F . -12.69 7.21 15.06
C2 GOL F . -15.31 6.71 15.35
O2 GOL F . -14.95 6.47 16.62
C3 GOL F . -16.31 6.79 14.69
O3 GOL F . -17.25 6.99 13.48
C1 GOL G . 9.91 -16.60 3.98
O1 GOL G . 8.82 -15.47 4.28
C2 GOL G . 9.67 -17.97 3.96
O2 GOL G . 8.72 -18.32 4.84
C3 GOL G . 10.39 -18.49 3.15
O3 GOL G . 11.46 -18.64 2.05
#